data_5SM6
#
_entry.id   5SM6
#
_cell.length_a   67.360
_cell.length_b   67.970
_cell.length_c   137.960
_cell.angle_alpha   90.000
_cell.angle_beta   90.000
_cell.angle_gamma   90.000
#
_symmetry.space_group_name_H-M   'P 21 21 21'
#
loop_
_entity.id
_entity.type
_entity.pdbx_description
1 polymer 'Proofreading exoribonuclease nsp14'
2 non-polymer 'ZINC ION'
3 non-polymer 'PHOSPHATE ION'
4 non-polymer 3-[(3,5-dimethyl-1,2-oxazol-4-yl)methyl]-5-methyl-1,3,4-thiadiazol-2(3H)-one
5 water water
#
_entity_poly.entity_id   1
_entity_poly.type   'polypeptide(L)'
_entity_poly.pdbx_seq_one_letter_code
;SMLFKDCSKVITGLHPTQAPTHLSVDTKFKTEGLCVDIPGIPKDMTYRRLISMMGFKMNYQVNGYPNMFITREEAIRHVR
AWIGFDVEGCHATREAVGTNLPLQLGFSTGVNLVAVPTGYVDTPNNTDFSRVSAKPPPGDQFKHLIPLMYKGLPWNVVRI
KIVQMLSDTLKNLSDRVVFVLWAHGFELTSMKYFVKIGPERTCCLCDRRATCFSTASDTYACWHHSIGFDYVYNPFMIDV
QQWGFTGNLQSNHDLYCQVHGNAHVASCDAIMTRCLAVHECFVKRVDWTIEYPIIGDELKINAACRKVQHMVVKAALLAD
KFPVLHDIGNPKAIKCVPQADVEWKFYDAQPCSDKAYKIEELFYSYATHSDKFTDGVCLFWNCNVDRYPANSIVCRFDTR
VLSNLNLPGCDGGSLYVNKHAFHTPAFDKSAFVNLKQLPFFYYSDSPCESHGKQVVSDIDYVPLKSATCITRCNLGGAVC
RHHANEYRLYLDAYNMMISAGFSLWVYKQFDTYNLWNTFTRLQ
;
_entity_poly.pdbx_strand_id   D
#
loop_
_chem_comp.id
_chem_comp.type
_chem_comp.name
_chem_comp.formula
K1A non-polymer 3-[(3,5-dimethyl-1,2-oxazol-4-yl)methyl]-5-methyl-1,3,4-thiadiazol-2(3H)-one 'C9 H11 N3 O2 S'
PO4 non-polymer 'PHOSPHATE ION' 'O4 P -3'
ZN non-polymer 'ZINC ION' 'Zn 2'
#
# COMPACT_ATOMS: atom_id res chain seq x y z
N PRO A 20 -11.68 -0.36 -26.07
CA PRO A 20 -11.71 -0.67 -24.65
C PRO A 20 -10.43 -0.27 -23.89
N THR A 21 -9.69 0.74 -24.40
CA THR A 21 -8.46 1.18 -23.73
C THR A 21 -8.83 2.20 -22.61
N HIS A 22 -9.04 3.51 -22.93
CA HIS A 22 -9.39 4.54 -21.94
C HIS A 22 -10.95 4.69 -21.78
N LEU A 23 -11.40 5.58 -20.88
CA LEU A 23 -12.83 5.83 -20.70
C LEU A 23 -13.27 6.77 -21.80
N SER A 24 -14.30 6.39 -22.57
CA SER A 24 -14.77 7.25 -23.66
C SER A 24 -15.44 8.48 -23.10
N VAL A 25 -15.16 9.64 -23.70
CA VAL A 25 -15.82 10.87 -23.26
C VAL A 25 -17.32 10.85 -23.58
N ASP A 26 -17.76 9.98 -24.53
CA ASP A 26 -19.17 9.85 -24.87
C ASP A 26 -19.91 8.87 -23.94
N THR A 27 -19.23 8.30 -22.92
CA THR A 27 -19.88 7.45 -21.92
C THR A 27 -20.79 8.35 -21.09
N LYS A 28 -21.94 7.81 -20.67
CA LYS A 28 -22.89 8.56 -19.87
C LYS A 28 -22.40 8.68 -18.43
N PHE A 29 -22.65 9.84 -17.82
CA PHE A 29 -22.32 10.13 -16.44
C PHE A 29 -23.63 10.36 -15.67
N LYS A 30 -23.95 9.54 -14.66
CA LYS A 30 -25.16 9.72 -13.85
C LYS A 30 -25.02 11.04 -13.06
N THR A 31 -25.95 11.98 -13.25
CA THR A 31 -25.84 13.30 -12.61
C THR A 31 -26.69 13.51 -11.37
N GLU A 32 -27.34 12.46 -10.87
CA GLU A 32 -28.22 12.57 -9.70
C GLU A 32 -27.51 13.04 -8.42
N GLY A 33 -26.29 12.57 -8.21
CA GLY A 33 -25.49 12.96 -7.07
C GLY A 33 -25.05 14.41 -7.08
N LEU A 34 -25.19 15.09 -8.23
CA LEU A 34 -24.77 16.48 -8.46
C LEU A 34 -25.91 17.49 -8.38
N CYS A 35 -27.17 17.06 -8.38
CA CYS A 35 -28.29 18.00 -8.48
C CYS A 35 -28.63 18.84 -7.23
N VAL A 36 -27.93 18.66 -6.09
CA VAL A 36 -28.20 19.54 -4.93
C VAL A 36 -27.25 20.75 -5.04
N ASP A 37 -25.95 20.53 -5.34
CA ASP A 37 -25.05 21.66 -5.62
C ASP A 37 -25.42 22.26 -6.98
N ILE A 38 -25.83 21.45 -7.95
CA ILE A 38 -26.19 21.90 -9.29
C ILE A 38 -27.67 21.60 -9.63
N PRO A 39 -28.62 22.41 -9.12
CA PRO A 39 -30.03 22.17 -9.46
C PRO A 39 -30.31 22.43 -10.95
N GLY A 40 -31.16 21.58 -11.52
CA GLY A 40 -31.53 21.62 -12.92
C GLY A 40 -30.54 20.92 -13.84
N ILE A 41 -29.58 20.18 -13.28
CA ILE A 41 -28.59 19.50 -14.10
C ILE A 41 -29.24 18.46 -15.02
N PRO A 42 -28.85 18.43 -16.30
CA PRO A 42 -29.44 17.46 -17.23
C PRO A 42 -29.23 16.04 -16.78
N LYS A 43 -30.25 15.24 -16.81
CA LYS A 43 -30.13 13.83 -16.44
C LYS A 43 -29.26 13.11 -17.48
N ASP A 44 -29.40 13.48 -18.74
CA ASP A 44 -28.64 12.93 -19.83
C ASP A 44 -27.35 13.72 -19.86
N MET A 45 -26.22 13.05 -19.57
CA MET A 45 -24.93 13.73 -19.54
C MET A 45 -23.83 12.80 -19.97
N THR A 46 -22.86 13.29 -20.73
CA THR A 46 -21.67 12.51 -21.11
C THR A 46 -20.47 13.13 -20.42
N TYR A 47 -19.35 12.40 -20.34
CA TYR A 47 -18.12 12.97 -19.80
C TYR A 47 -17.68 14.21 -20.59
N ARG A 48 -17.93 14.21 -21.91
CA ARG A 48 -17.63 15.27 -22.84
C ARG A 48 -18.35 16.58 -22.46
N ARG A 49 -19.62 16.49 -22.16
CA ARG A 49 -20.41 17.64 -21.76
C ARG A 49 -20.04 18.11 -20.35
N LEU A 50 -19.78 17.16 -19.45
CA LEU A 50 -19.36 17.42 -18.07
C LEU A 50 -18.05 18.18 -18.01
N ILE A 51 -17.01 17.70 -18.73
CA ILE A 51 -15.71 18.36 -18.78
C ILE A 51 -15.87 19.80 -19.33
N SER A 52 -16.73 19.96 -20.35
CA SER A 52 -17.07 21.26 -20.91
C SER A 52 -17.74 22.17 -19.83
N MET A 53 -18.71 21.64 -19.05
CA MET A 53 -19.40 22.34 -17.96
C MET A 53 -18.41 22.76 -16.85
N MET A 54 -17.35 21.97 -16.67
CA MET A 54 -16.33 22.27 -15.68
C MET A 54 -15.37 23.41 -16.13
N GLY A 55 -15.48 23.87 -17.37
CA GLY A 55 -14.64 24.94 -17.89
C GLY A 55 -13.39 24.46 -18.61
N PHE A 56 -13.37 23.21 -19.07
CA PHE A 56 -12.19 22.66 -19.74
C PHE A 56 -12.44 22.38 -21.19
N LYS A 57 -11.53 22.83 -22.05
CA LYS A 57 -11.69 22.58 -23.47
C LYS A 57 -10.74 21.46 -23.90
N MET A 58 -11.29 20.30 -24.30
CA MET A 58 -10.45 19.19 -24.75
C MET A 58 -9.95 19.38 -26.21
N ASN A 59 -10.50 20.38 -26.95
CA ASN A 59 -10.10 20.82 -28.30
C ASN A 59 -9.80 19.73 -29.36
N TYR A 60 -10.38 18.50 -29.23
CA TYR A 60 -10.11 17.35 -30.13
C TYR A 60 -8.60 17.08 -30.16
N GLN A 61 -8.05 16.73 -28.99
CA GLN A 61 -6.62 16.52 -28.88
C GLN A 61 -6.24 15.01 -28.74
N VAL A 62 -5.44 14.53 -29.72
CA VAL A 62 -4.91 13.17 -29.72
C VAL A 62 -3.49 13.25 -29.18
N ASN A 63 -3.36 13.61 -27.89
CA ASN A 63 -2.06 13.76 -27.29
C ASN A 63 -1.97 13.12 -25.91
N GLY A 64 -2.33 11.84 -25.83
CA GLY A 64 -2.24 11.04 -24.62
C GLY A 64 -3.14 11.31 -23.43
N TYR A 65 -3.98 12.35 -23.49
CA TYR A 65 -4.89 12.68 -22.39
C TYR A 65 -6.31 12.66 -22.98
N PRO A 66 -6.90 11.48 -23.21
CA PRO A 66 -8.20 11.43 -23.89
C PRO A 66 -9.40 11.85 -23.06
N ASN A 67 -9.31 11.71 -21.75
CA ASN A 67 -10.41 12.03 -20.86
C ASN A 67 -9.84 12.36 -19.45
N MET A 68 -10.42 13.35 -18.76
CA MET A 68 -10.02 13.68 -17.39
C MET A 68 -10.40 12.55 -16.43
N PHE A 69 -11.51 11.86 -16.72
CA PHE A 69 -12.01 10.76 -15.93
C PHE A 69 -11.47 9.45 -16.44
N ILE A 70 -11.31 8.48 -15.54
CA ILE A 70 -10.74 7.19 -15.92
C ILE A 70 -11.65 6.03 -15.53
N THR A 71 -11.42 4.85 -16.13
CA THR A 71 -12.16 3.65 -15.81
C THR A 71 -11.76 3.14 -14.42
N ARG A 72 -12.53 2.20 -13.87
CA ARG A 72 -12.21 1.58 -12.59
C ARG A 72 -10.91 0.79 -12.74
N GLU A 73 -10.72 0.08 -13.87
CA GLU A 73 -9.51 -0.69 -14.16
C GLU A 73 -8.29 0.24 -14.27
N GLU A 74 -8.43 1.43 -14.91
CA GLU A 74 -7.32 2.37 -14.99
C GLU A 74 -6.99 2.89 -13.58
N ALA A 75 -8.01 3.19 -12.75
CA ALA A 75 -7.80 3.64 -11.37
C ALA A 75 -7.07 2.61 -10.52
N ILE A 76 -7.42 1.32 -10.66
CA ILE A 76 -6.80 0.23 -9.92
C ILE A 76 -5.32 0.11 -10.32
N ARG A 77 -5.02 0.18 -11.63
CA ARG A 77 -3.62 0.15 -12.07
C ARG A 77 -2.81 1.33 -11.47
N HIS A 78 -3.49 2.45 -11.14
CA HIS A 78 -2.85 3.66 -10.63
C HIS A 78 -3.30 3.95 -9.19
N VAL A 79 -3.47 2.90 -8.36
CA VAL A 79 -3.89 3.10 -6.97
C VAL A 79 -2.89 4.00 -6.19
N ARG A 80 -1.59 3.92 -6.51
CA ARG A 80 -0.58 4.74 -5.82
C ARG A 80 -0.82 6.24 -5.95
N ALA A 81 -1.56 6.65 -7.00
CA ALA A 81 -1.92 8.02 -7.31
C ALA A 81 -3.20 8.51 -6.61
N TRP A 82 -3.97 7.63 -5.95
CA TRP A 82 -5.25 8.06 -5.36
C TRP A 82 -5.16 9.09 -4.25
N ILE A 83 -5.88 10.18 -4.43
CA ILE A 83 -6.02 11.24 -3.45
C ILE A 83 -7.51 11.53 -3.41
N GLY A 84 -8.15 11.22 -2.30
CA GLY A 84 -9.56 11.52 -2.10
C GLY A 84 -9.72 13.02 -2.05
N PHE A 85 -10.71 13.53 -2.77
CA PHE A 85 -10.92 14.96 -2.85
C PHE A 85 -12.38 15.27 -2.60
N ASP A 86 -12.65 16.25 -1.74
CA ASP A 86 -14.00 16.66 -1.45
C ASP A 86 -14.07 18.15 -1.25
N VAL A 87 -15.09 18.82 -1.82
CA VAL A 87 -15.26 20.25 -1.60
C VAL A 87 -16.60 20.43 -0.93
N GLU A 88 -16.61 21.16 0.19
CA GLU A 88 -17.83 21.47 0.90
C GLU A 88 -18.03 22.98 0.93
N GLY A 89 -19.23 23.42 0.62
CA GLY A 89 -19.55 24.85 0.67
C GLY A 89 -19.59 25.32 2.12
N CYS A 90 -18.80 26.35 2.46
CA CYS A 90 -18.77 26.86 3.84
C CYS A 90 -19.99 27.76 4.04
N HIS A 91 -20.20 28.73 3.13
CA HIS A 91 -21.37 29.60 3.23
C HIS A 91 -22.43 29.21 2.18
N GLY A 98 -18.79 28.73 -4.33
CA GLY A 98 -19.95 29.00 -5.18
C GLY A 98 -19.93 30.40 -5.74
N THR A 99 -18.69 30.94 -6.03
CA THR A 99 -18.39 32.28 -6.58
C THR A 99 -18.72 33.41 -5.57
N ASN A 100 -19.73 33.18 -4.72
CA ASN A 100 -20.14 34.10 -3.68
C ASN A 100 -19.63 33.58 -2.32
N LEU A 101 -19.69 32.26 -2.10
CA LEU A 101 -19.29 31.64 -0.84
C LEU A 101 -17.89 31.02 -0.84
N PRO A 102 -17.22 31.02 0.33
CA PRO A 102 -15.91 30.36 0.43
C PRO A 102 -16.04 28.82 0.45
N LEU A 103 -15.11 28.12 -0.20
CA LEU A 103 -15.14 26.67 -0.28
C LEU A 103 -14.10 26.02 0.62
N GLN A 104 -14.40 24.83 1.15
CA GLN A 104 -13.48 24.05 1.94
C GLN A 104 -13.04 22.87 1.09
N LEU A 105 -11.75 22.80 0.77
CA LEU A 105 -11.17 21.75 -0.06
C LEU A 105 -10.54 20.72 0.89
N GLY A 106 -11.03 19.51 0.86
CA GLY A 106 -10.52 18.43 1.70
C GLY A 106 -9.78 17.37 0.93
N PHE A 107 -8.66 16.89 1.46
CA PHE A 107 -7.87 15.87 0.78
C PHE A 107 -7.67 14.67 1.69
N SER A 108 -7.49 13.45 1.11
CA SER A 108 -7.30 12.28 1.99
C SER A 108 -5.95 12.33 2.77
N THR A 109 -5.11 13.33 2.51
CA THR A 109 -3.92 13.59 3.31
C THR A 109 -4.28 14.18 4.69
N GLY A 110 -5.55 14.53 4.93
CA GLY A 110 -5.99 15.14 6.18
C GLY A 110 -6.01 16.66 6.11
N VAL A 111 -5.66 17.23 4.93
CA VAL A 111 -5.60 18.66 4.70
C VAL A 111 -6.96 19.28 4.30
N ASN A 112 -7.28 20.42 4.94
CA ASN A 112 -8.47 21.22 4.67
C ASN A 112 -8.03 22.66 4.35
N LEU A 113 -8.20 23.09 3.11
CA LEU A 113 -7.88 24.47 2.72
C LEU A 113 -9.18 25.23 2.51
N VAL A 114 -9.20 26.51 2.86
CA VAL A 114 -10.38 27.34 2.63
C VAL A 114 -10.05 28.36 1.55
N ALA A 115 -10.81 28.30 0.45
CA ALA A 115 -10.67 29.18 -0.71
C ALA A 115 -11.74 30.25 -0.70
N VAL A 116 -11.35 31.52 -0.58
CA VAL A 116 -12.30 32.62 -0.67
C VAL A 116 -12.30 33.10 -2.14
N PRO A 117 -13.48 33.44 -2.67
CA PRO A 117 -13.55 33.79 -4.11
C PRO A 117 -13.11 35.20 -4.49
N THR A 118 -12.91 36.09 -3.49
CA THR A 118 -12.49 37.50 -3.62
C THR A 118 -11.88 37.90 -4.98
N PRO A 147 -6.88 16.29 9.53
CA PRO A 147 -7.80 17.28 10.10
C PRO A 147 -7.12 18.64 10.33
N LEU A 148 -6.18 19.02 9.43
CA LEU A 148 -5.47 20.30 9.51
C LEU A 148 -6.34 21.39 8.87
N MET A 149 -6.89 22.30 9.69
CA MET A 149 -7.82 23.36 9.28
C MET A 149 -7.17 24.73 9.03
N TYR A 150 -6.96 25.10 7.75
CA TYR A 150 -6.37 26.40 7.42
C TYR A 150 -7.46 27.46 7.23
N LYS A 151 -7.17 28.73 7.57
CA LYS A 151 -8.15 29.82 7.39
C LYS A 151 -8.30 30.23 5.91
N GLY A 152 -9.37 30.99 5.60
CA GLY A 152 -9.71 31.44 4.26
C GLY A 152 -8.68 32.28 3.52
N LEU A 153 -8.26 31.80 2.35
CA LEU A 153 -7.27 32.48 1.50
C LEU A 153 -7.66 32.46 0.03
N PRO A 154 -7.24 33.45 -0.79
CA PRO A 154 -7.62 33.43 -2.21
C PRO A 154 -7.03 32.25 -2.99
N TRP A 155 -7.67 31.90 -4.10
CA TRP A 155 -7.30 30.79 -4.96
C TRP A 155 -5.87 30.78 -5.45
N ASN A 156 -5.32 31.96 -5.81
CA ASN A 156 -3.95 32.09 -6.30
C ASN A 156 -2.93 31.61 -5.30
N VAL A 157 -3.23 31.69 -3.99
CA VAL A 157 -2.32 31.16 -2.98
C VAL A 157 -2.68 29.69 -2.66
N VAL A 158 -3.98 29.34 -2.66
CA VAL A 158 -4.48 27.99 -2.37
C VAL A 158 -3.92 26.95 -3.37
N ARG A 159 -3.95 27.26 -4.68
CA ARG A 159 -3.44 26.38 -5.73
C ARG A 159 -1.98 26.03 -5.55
N ILE A 160 -1.13 27.01 -5.13
CA ILE A 160 0.30 26.80 -4.83
C ILE A 160 0.45 25.70 -3.74
N LYS A 161 -0.33 25.81 -2.66
CA LYS A 161 -0.32 24.83 -1.57
C LYS A 161 -0.72 23.43 -2.05
N ILE A 162 -1.74 23.34 -2.93
CA ILE A 162 -2.26 22.09 -3.50
C ILE A 162 -1.18 21.37 -4.30
N VAL A 163 -0.41 22.10 -5.09
CA VAL A 163 0.68 21.53 -5.86
C VAL A 163 1.79 21.04 -4.91
N GLN A 164 2.09 21.81 -3.85
CA GLN A 164 3.10 21.41 -2.87
C GLN A 164 2.68 20.10 -2.21
N MET A 165 1.43 20.02 -1.74
CA MET A 165 0.90 18.86 -1.05
C MET A 165 0.83 17.59 -1.88
N LEU A 166 0.31 17.69 -3.12
CA LEU A 166 0.26 16.52 -4.00
C LEU A 166 1.67 16.09 -4.38
N SER A 167 2.57 17.06 -4.63
CA SER A 167 3.95 16.75 -4.98
C SER A 167 4.68 16.02 -3.87
N ASP A 168 4.49 16.46 -2.61
CA ASP A 168 5.18 15.83 -1.48
C ASP A 168 4.58 14.47 -1.15
N THR A 169 3.30 14.26 -1.43
CA THR A 169 2.65 13.01 -1.14
C THR A 169 2.93 11.97 -2.23
N LEU A 170 3.00 12.42 -3.48
CA LEU A 170 3.08 11.53 -4.61
C LEU A 170 4.40 11.34 -5.28
N LYS A 171 5.40 12.21 -5.08
CA LYS A 171 6.64 12.10 -5.86
C LYS A 171 7.30 10.72 -5.82
N ASN A 172 7.22 10.03 -4.69
CA ASN A 172 7.81 8.69 -4.58
C ASN A 172 6.78 7.56 -4.74
N LEU A 173 5.57 7.87 -5.23
CA LEU A 173 4.53 6.86 -5.39
C LEU A 173 4.11 6.66 -6.80
N SER A 174 3.90 7.75 -7.54
CA SER A 174 3.28 7.66 -8.85
C SER A 174 3.72 8.78 -9.79
N ASP A 175 3.47 8.58 -11.11
CA ASP A 175 3.73 9.58 -12.14
C ASP A 175 2.52 10.48 -12.40
N ARG A 176 1.48 10.42 -11.56
CA ARG A 176 0.24 11.17 -11.73
C ARG A 176 -0.57 11.29 -10.42
N VAL A 177 -1.73 11.96 -10.46
CA VAL A 177 -2.67 12.06 -9.36
C VAL A 177 -4.01 11.55 -9.89
N VAL A 178 -4.77 10.85 -9.05
CA VAL A 178 -6.09 10.38 -9.39
C VAL A 178 -7.00 10.90 -8.29
N PHE A 179 -7.74 11.98 -8.54
CA PHE A 179 -8.67 12.53 -7.54
C PHE A 179 -9.85 11.58 -7.41
N VAL A 180 -9.98 10.93 -6.27
CA VAL A 180 -11.06 10.00 -6.01
C VAL A 180 -12.21 10.79 -5.39
N LEU A 181 -13.35 10.83 -6.07
CA LEU A 181 -14.49 11.65 -5.65
C LEU A 181 -15.73 10.83 -5.33
N TRP A 182 -16.62 11.45 -4.53
CA TRP A 182 -17.99 11.03 -4.28
C TRP A 182 -18.70 12.34 -4.65
N ALA A 183 -18.74 12.61 -5.97
CA ALA A 183 -19.16 13.85 -6.60
C ALA A 183 -20.57 14.35 -6.28
N HIS A 184 -20.64 15.56 -5.76
CA HIS A 184 -21.88 16.25 -5.50
C HIS A 184 -22.00 17.61 -6.21
N GLY A 185 -20.93 18.09 -6.86
CA GLY A 185 -20.98 19.35 -7.61
C GLY A 185 -19.81 20.28 -7.42
N PHE A 186 -19.62 20.81 -6.19
CA PHE A 186 -18.57 21.78 -5.87
C PHE A 186 -17.16 21.35 -6.20
N GLU A 187 -16.84 20.05 -6.03
CA GLU A 187 -15.49 19.58 -6.32
C GLU A 187 -15.19 19.65 -7.82
N LEU A 188 -16.17 19.40 -8.68
CA LEU A 188 -15.97 19.46 -10.12
C LEU A 188 -15.94 20.91 -10.62
N THR A 189 -16.79 21.77 -10.03
CA THR A 189 -16.80 23.17 -10.41
C THR A 189 -15.62 23.95 -9.85
N SER A 190 -14.91 23.43 -8.83
CA SER A 190 -13.76 24.12 -8.29
C SER A 190 -12.45 23.75 -8.99
N MET A 191 -12.41 22.68 -9.79
CA MET A 191 -11.19 22.23 -10.45
C MET A 191 -10.62 23.24 -11.42
N LYS A 192 -11.45 24.04 -12.08
CA LYS A 192 -10.96 25.08 -13.00
C LYS A 192 -10.04 26.10 -12.28
N TYR A 193 -10.17 26.23 -10.95
CA TYR A 193 -9.37 27.16 -10.19
C TYR A 193 -7.97 26.65 -9.84
N PHE A 194 -7.69 25.35 -10.02
CA PHE A 194 -6.34 24.84 -9.72
C PHE A 194 -5.81 23.84 -10.75
N VAL A 195 -6.59 23.49 -11.78
CA VAL A 195 -6.19 22.49 -12.76
C VAL A 195 -6.10 23.10 -14.14
N LYS A 196 -5.03 22.78 -14.87
CA LYS A 196 -4.90 23.12 -16.29
C LYS A 196 -4.74 21.77 -17.04
N ILE A 197 -5.28 21.69 -18.25
CA ILE A 197 -5.17 20.49 -19.08
C ILE A 197 -4.56 20.84 -20.45
N GLY A 198 -4.08 19.84 -21.14
CA GLY A 198 -3.52 20.00 -22.47
C GLY A 198 -2.91 18.69 -22.94
N PRO A 199 -2.00 18.77 -23.90
CA PRO A 199 -1.33 17.54 -24.36
C PRO A 199 -0.39 16.96 -23.29
N GLU A 200 -0.07 15.67 -23.41
CA GLU A 200 0.86 15.04 -22.48
C GLU A 200 2.24 15.62 -22.70
N ARG A 201 2.85 16.08 -21.61
CA ARG A 201 4.16 16.71 -21.68
C ARG A 201 5.19 16.07 -20.76
N THR A 202 6.45 16.48 -20.89
CA THR A 202 7.50 15.99 -20.02
C THR A 202 7.99 17.13 -19.12
N CYS A 203 8.67 16.76 -18.03
CA CYS A 203 9.20 17.70 -17.06
C CYS A 203 10.28 18.61 -17.70
N CYS A 204 10.38 19.86 -17.26
CA CYS A 204 11.39 20.79 -17.77
C CYS A 204 12.79 20.40 -17.27
N LEU A 205 12.89 19.80 -16.08
CA LEU A 205 14.16 19.40 -15.51
C LEU A 205 14.47 17.90 -15.66
N CYS A 206 13.49 17.04 -16.02
CA CYS A 206 13.75 15.61 -16.16
C CYS A 206 12.87 14.92 -17.25
N ASP A 207 12.96 13.58 -17.36
CA ASP A 207 12.22 12.85 -18.38
C ASP A 207 10.88 12.31 -17.96
N ARG A 208 10.48 12.49 -16.69
CA ARG A 208 9.19 12.02 -16.22
C ARG A 208 8.06 12.85 -16.81
N ARG A 209 6.82 12.30 -16.84
CA ARG A 209 5.70 13.08 -17.37
C ARG A 209 5.42 14.29 -16.47
N ALA A 210 4.90 15.35 -17.08
CA ALA A 210 4.58 16.56 -16.34
C ALA A 210 3.26 16.36 -15.59
N THR A 211 3.25 16.78 -14.35
CA THR A 211 2.04 16.75 -13.51
C THR A 211 1.71 18.15 -12.98
N CYS A 212 2.54 19.17 -13.25
CA CYS A 212 2.37 20.52 -12.75
C CYS A 212 2.67 21.56 -13.84
N PHE A 213 2.16 22.78 -13.65
CA PHE A 213 2.39 23.87 -14.56
C PHE A 213 2.65 25.14 -13.75
N SER A 214 3.55 25.99 -14.26
CA SER A 214 3.81 27.25 -13.60
C SER A 214 3.43 28.39 -14.50
N THR A 215 2.45 29.23 -14.07
CA THR A 215 2.07 30.41 -14.86
C THR A 215 3.19 31.44 -14.88
N ALA A 216 3.98 31.52 -13.80
CA ALA A 216 5.10 32.45 -13.59
C ALA A 216 6.23 32.25 -14.58
N SER A 217 6.56 30.99 -14.88
CA SER A 217 7.64 30.69 -15.82
C SER A 217 7.17 30.07 -17.14
N ASP A 218 5.88 29.80 -17.32
CA ASP A 218 5.37 29.16 -18.54
C ASP A 218 6.01 27.78 -18.79
N THR A 219 6.27 27.00 -17.71
CA THR A 219 6.92 25.69 -17.82
C THR A 219 6.15 24.56 -17.08
N TYR A 220 6.52 23.31 -17.35
CA TYR A 220 5.88 22.13 -16.76
C TYR A 220 6.87 21.28 -15.98
N ALA A 221 6.41 20.60 -14.93
CA ALA A 221 7.29 19.75 -14.15
C ALA A 221 6.62 18.51 -13.61
N CYS A 222 7.41 17.48 -13.26
CA CYS A 222 6.92 16.28 -12.61
C CYS A 222 6.69 16.61 -11.10
N TRP A 223 6.34 15.60 -10.26
CA TRP A 223 6.13 15.84 -8.83
C TRP A 223 7.44 16.17 -8.09
N HIS A 224 8.62 15.85 -8.68
CA HIS A 224 9.92 16.10 -8.03
C HIS A 224 10.50 17.48 -8.32
N HIS A 225 10.13 18.13 -9.45
CA HIS A 225 10.72 19.42 -9.80
C HIS A 225 9.73 20.57 -9.83
N SER A 226 8.66 20.45 -9.08
CA SER A 226 7.54 21.36 -9.10
C SER A 226 7.55 22.45 -8.05
N ILE A 227 8.68 22.70 -7.40
CA ILE A 227 8.75 23.74 -6.36
C ILE A 227 8.42 25.11 -6.93
N GLY A 228 7.42 25.76 -6.35
CA GLY A 228 6.97 27.06 -6.87
C GLY A 228 5.95 26.95 -7.97
N PHE A 229 5.51 25.73 -8.35
CA PHE A 229 4.50 25.59 -9.42
C PHE A 229 3.09 25.83 -8.86
N ASP A 230 2.18 26.44 -9.67
CA ASP A 230 0.85 26.78 -9.18
C ASP A 230 -0.31 25.96 -9.74
N TYR A 231 -0.15 25.31 -10.90
CA TYR A 231 -1.27 24.53 -11.45
C TYR A 231 -1.04 23.04 -11.49
N VAL A 232 -2.11 22.30 -11.25
CA VAL A 232 -2.09 20.85 -11.37
C VAL A 232 -2.33 20.62 -12.85
N TYR A 233 -1.41 19.92 -13.49
CA TYR A 233 -1.51 19.67 -14.92
C TYR A 233 -1.90 18.24 -15.25
N ASN A 234 -2.97 18.08 -16.08
CA ASN A 234 -3.47 16.78 -16.53
C ASN A 234 -3.73 15.76 -15.40
N PRO A 235 -4.52 16.18 -14.38
CA PRO A 235 -4.86 15.23 -13.33
C PRO A 235 -5.86 14.20 -13.82
N PHE A 236 -5.96 13.08 -13.12
CA PHE A 236 -6.98 12.08 -13.44
C PHE A 236 -8.01 12.04 -12.32
N MET A 237 -9.21 11.56 -12.60
CA MET A 237 -10.26 11.52 -11.59
C MET A 237 -11.23 10.40 -11.82
N ILE A 238 -11.92 9.99 -10.76
CA ILE A 238 -12.92 8.95 -10.83
C ILE A 238 -14.01 9.27 -9.81
N ASP A 239 -15.28 9.13 -10.21
CA ASP A 239 -16.39 9.36 -9.33
C ASP A 239 -16.90 8.01 -8.91
N VAL A 240 -16.74 7.70 -7.61
CA VAL A 240 -17.15 6.46 -6.97
C VAL A 240 -18.67 6.28 -7.07
N GLN A 241 -19.44 7.37 -7.01
CA GLN A 241 -20.90 7.30 -7.19
C GLN A 241 -21.35 6.66 -8.51
N GLN A 242 -20.54 6.75 -9.56
CA GLN A 242 -20.83 6.10 -10.83
C GLN A 242 -20.87 4.58 -10.77
N TRP A 243 -20.28 4.00 -9.73
CA TRP A 243 -20.27 2.55 -9.57
C TRP A 243 -21.58 1.97 -9.07
N GLY A 244 -22.55 2.84 -8.77
CA GLY A 244 -23.88 2.40 -8.36
C GLY A 244 -23.97 2.04 -6.91
N PHE A 245 -24.30 3.01 -6.08
CA PHE A 245 -24.47 2.77 -4.65
C PHE A 245 -25.81 3.30 -4.21
N THR A 246 -26.41 2.68 -3.19
CA THR A 246 -27.64 3.16 -2.61
C THR A 246 -27.25 3.87 -1.32
N GLY A 247 -27.72 5.09 -1.14
CA GLY A 247 -27.40 5.84 0.06
C GLY A 247 -26.18 6.72 -0.08
N ASN A 248 -25.91 7.52 0.94
CA ASN A 248 -24.79 8.47 0.94
C ASN A 248 -23.43 7.80 1.25
N LEU A 249 -22.34 8.60 1.18
CA LEU A 249 -20.96 8.19 1.47
C LEU A 249 -20.76 7.58 2.85
N GLN A 250 -21.17 8.28 3.92
CA GLN A 250 -20.96 7.75 5.27
C GLN A 250 -21.64 6.38 5.47
N SER A 251 -22.89 6.21 5.02
CA SER A 251 -23.58 4.93 5.17
C SER A 251 -22.89 3.78 4.40
N ASN A 252 -22.29 4.05 3.22
CA ASN A 252 -21.59 3.02 2.45
C ASN A 252 -20.20 2.71 3.02
N HIS A 253 -19.50 3.75 3.48
CA HIS A 253 -18.17 3.63 4.07
C HIS A 253 -18.26 2.85 5.39
N ASP A 254 -19.19 3.26 6.28
CA ASP A 254 -19.35 2.64 7.58
C ASP A 254 -19.78 1.17 7.54
N LEU A 255 -20.28 0.69 6.39
CA LEU A 255 -20.58 -0.73 6.24
C LEU A 255 -19.28 -1.57 6.37
N TYR A 256 -18.12 -0.99 6.01
CA TYR A 256 -16.86 -1.70 5.97
C TYR A 256 -15.74 -1.13 6.83
N CYS A 257 -15.89 0.09 7.36
CA CYS A 257 -14.79 0.70 8.10
C CYS A 257 -15.23 1.45 9.36
N GLN A 258 -14.60 1.10 10.51
CA GLN A 258 -14.86 1.78 11.78
C GLN A 258 -13.73 2.73 12.21
N VAL A 259 -12.60 2.72 11.49
CA VAL A 259 -11.39 3.49 11.75
C VAL A 259 -11.47 4.97 11.29
N HIS A 260 -12.34 5.30 10.32
CA HIS A 260 -12.46 6.67 9.84
C HIS A 260 -13.77 7.27 10.25
N GLY A 261 -13.76 8.13 11.25
CA GLY A 261 -14.99 8.77 11.70
C GLY A 261 -15.39 9.92 10.80
N ASN A 262 -16.62 10.40 10.96
CA ASN A 262 -17.06 11.57 10.21
C ASN A 262 -16.99 12.75 11.16
N ALA A 263 -15.87 13.50 11.16
CA ALA A 263 -15.79 14.69 12.01
C ALA A 263 -16.49 15.91 11.37
N HIS A 264 -17.27 15.68 10.27
CA HIS A 264 -18.07 16.63 9.48
C HIS A 264 -17.22 17.74 8.80
N VAL A 265 -16.00 17.39 8.33
CA VAL A 265 -15.15 18.30 7.55
C VAL A 265 -14.86 17.68 6.17
N ALA A 266 -14.50 18.51 5.20
CA ALA A 266 -14.23 18.06 3.85
C ALA A 266 -13.21 16.93 3.75
N SER A 267 -12.10 17.02 4.49
CA SER A 267 -11.06 15.99 4.45
C SER A 267 -11.54 14.65 4.98
N CYS A 268 -12.50 14.65 5.92
CA CYS A 268 -13.11 13.43 6.45
C CYS A 268 -13.82 12.67 5.34
N ASP A 269 -14.56 13.38 4.50
CA ASP A 269 -15.26 12.76 3.38
C ASP A 269 -14.25 12.28 2.32
N ALA A 270 -13.17 13.06 2.10
CA ALA A 270 -12.12 12.71 1.15
C ALA A 270 -11.44 11.39 1.56
N ILE A 271 -11.23 11.21 2.87
CA ILE A 271 -10.66 10.00 3.45
C ILE A 271 -11.63 8.81 3.31
N MET A 272 -12.90 8.99 3.71
CA MET A 272 -13.92 7.95 3.58
C MET A 272 -14.14 7.55 2.11
N THR A 273 -13.96 8.51 1.16
CA THR A 273 -14.14 8.27 -0.28
C THR A 273 -13.07 7.32 -0.82
N ARG A 274 -11.80 7.65 -0.58
CA ARG A 274 -10.68 6.83 -1.03
C ARG A 274 -10.74 5.46 -0.33
N CYS A 275 -11.12 5.43 0.95
CA CYS A 275 -11.22 4.18 1.71
C CYS A 275 -12.29 3.28 1.09
N LEU A 276 -13.44 3.87 0.71
CA LEU A 276 -14.52 3.09 0.12
C LEU A 276 -14.08 2.54 -1.23
N ALA A 277 -13.41 3.37 -2.03
CA ALA A 277 -12.82 3.00 -3.30
C ALA A 277 -11.85 1.81 -3.13
N VAL A 278 -10.92 1.87 -2.12
CA VAL A 278 -9.96 0.80 -1.78
C VAL A 278 -10.69 -0.49 -1.39
N HIS A 279 -11.76 -0.39 -0.57
CA HIS A 279 -12.52 -1.58 -0.18
C HIS A 279 -13.13 -2.26 -1.42
N GLU A 280 -13.72 -1.48 -2.31
CA GLU A 280 -14.37 -1.98 -3.51
C GLU A 280 -13.41 -2.59 -4.51
N CYS A 281 -12.21 -2.03 -4.61
CA CYS A 281 -11.25 -2.44 -5.62
C CYS A 281 -10.22 -3.46 -5.12
N PHE A 282 -10.03 -3.57 -3.80
CA PHE A 282 -8.99 -4.43 -3.25
C PHE A 282 -9.42 -5.34 -2.13
N VAL A 283 -10.50 -5.02 -1.41
CA VAL A 283 -10.95 -5.85 -0.30
C VAL A 283 -11.88 -6.95 -0.78
N LYS A 284 -13.03 -6.57 -1.43
CA LYS A 284 -14.03 -7.50 -1.95
C LYS A 284 -13.69 -7.98 -3.36
N ARG A 285 -13.09 -7.11 -4.17
CA ARG A 285 -12.65 -7.49 -5.51
C ARG A 285 -11.14 -7.68 -5.42
N VAL A 286 -10.63 -8.86 -5.78
CA VAL A 286 -9.19 -9.11 -5.70
C VAL A 286 -8.60 -9.54 -7.05
N ASP A 287 -7.60 -8.79 -7.54
CA ASP A 287 -6.94 -9.11 -8.79
C ASP A 287 -5.42 -9.19 -8.61
N TRP A 288 -4.88 -10.41 -8.50
CA TRP A 288 -3.43 -10.59 -8.35
C TRP A 288 -2.68 -10.73 -9.70
N THR A 289 -3.39 -10.54 -10.83
CA THR A 289 -2.74 -10.55 -12.14
C THR A 289 -2.19 -9.15 -12.50
N ILE A 290 -2.64 -8.09 -11.78
CA ILE A 290 -2.21 -6.73 -12.04
C ILE A 290 -0.81 -6.53 -11.53
N GLU A 291 0.06 -6.10 -12.43
CA GLU A 291 1.45 -5.80 -12.18
C GLU A 291 1.54 -4.34 -11.72
N TYR A 292 2.53 -4.03 -10.89
CA TYR A 292 2.74 -2.66 -10.44
C TYR A 292 4.21 -2.32 -10.60
N PRO A 293 4.52 -1.11 -11.12
CA PRO A 293 5.92 -0.76 -11.34
C PRO A 293 6.81 -0.75 -10.08
N ILE A 294 8.14 -0.74 -10.28
CA ILE A 294 9.09 -0.71 -9.17
C ILE A 294 9.40 0.74 -8.83
N ILE A 295 9.09 1.13 -7.60
CA ILE A 295 9.31 2.49 -7.11
C ILE A 295 10.30 2.58 -5.92
N GLY A 296 10.84 1.44 -5.47
CA GLY A 296 11.73 1.40 -4.32
C GLY A 296 12.49 0.10 -4.15
N ASP A 297 12.62 -0.33 -2.90
CA ASP A 297 13.37 -1.54 -2.52
C ASP A 297 12.59 -2.84 -2.67
N GLU A 298 11.59 -2.89 -3.56
CA GLU A 298 10.81 -4.10 -3.78
C GLU A 298 11.64 -5.39 -3.94
N LEU A 299 12.57 -5.42 -4.88
CA LEU A 299 13.38 -6.59 -5.14
C LEU A 299 14.23 -7.02 -3.96
N LYS A 300 14.81 -6.05 -3.24
CA LYS A 300 15.64 -6.35 -2.10
C LYS A 300 14.80 -6.92 -0.99
N ILE A 301 13.63 -6.31 -0.72
CA ILE A 301 12.72 -6.75 0.33
C ILE A 301 12.25 -8.18 0.09
N ASN A 302 11.94 -8.50 -1.17
CA ASN A 302 11.49 -9.83 -1.53
C ASN A 302 12.59 -10.87 -1.39
N ALA A 303 13.83 -10.50 -1.81
CA ALA A 303 14.98 -11.38 -1.68
C ALA A 303 15.30 -11.66 -0.22
N ALA A 304 15.21 -10.62 0.61
CA ALA A 304 15.47 -10.63 2.04
C ALA A 304 14.50 -11.52 2.76
N CYS A 305 13.20 -11.42 2.43
CA CYS A 305 12.11 -12.19 2.98
C CYS A 305 12.31 -13.68 2.71
N ARG A 306 12.86 -14.04 1.53
CA ARG A 306 13.14 -15.41 1.13
C ARG A 306 14.37 -15.96 1.87
N LYS A 307 15.36 -15.09 2.17
CA LYS A 307 16.56 -15.47 2.91
C LYS A 307 16.18 -15.68 4.38
N VAL A 308 15.43 -14.75 4.98
CA VAL A 308 14.99 -14.84 6.37
C VAL A 308 14.12 -16.07 6.61
N GLN A 309 13.21 -16.37 5.69
CA GLN A 309 12.35 -17.55 5.83
C GLN A 309 13.16 -18.82 5.81
N HIS A 310 14.13 -18.92 4.90
CA HIS A 310 14.95 -20.11 4.80
C HIS A 310 15.74 -20.31 6.10
N MET A 311 16.36 -19.23 6.59
CA MET A 311 17.14 -19.21 7.81
C MET A 311 16.32 -19.60 9.03
N VAL A 312 15.18 -18.94 9.23
CA VAL A 312 14.38 -19.17 10.42
C VAL A 312 13.75 -20.57 10.47
N VAL A 313 13.35 -21.09 9.34
CA VAL A 313 12.71 -22.39 9.26
C VAL A 313 13.77 -23.47 9.38
N LYS A 314 14.93 -23.30 8.72
CA LYS A 314 16.03 -24.28 8.84
C LYS A 314 16.46 -24.47 10.31
N ALA A 315 16.65 -23.36 11.04
CA ALA A 315 17.07 -23.34 12.44
C ALA A 315 16.04 -23.92 13.38
N ALA A 316 14.75 -23.67 13.13
CA ALA A 316 13.70 -24.23 13.98
C ALA A 316 13.71 -25.78 13.87
N LEU A 317 13.93 -26.28 12.65
CA LEU A 317 13.98 -27.71 12.39
C LEU A 317 15.21 -28.35 12.98
N LEU A 318 16.34 -27.63 13.06
CA LEU A 318 17.56 -28.17 13.65
C LEU A 318 17.45 -28.16 15.18
N ALA A 319 16.93 -27.07 15.76
CA ALA A 319 16.83 -26.89 17.21
C ALA A 319 15.79 -27.77 17.89
N ASP A 320 14.61 -27.93 17.25
CA ASP A 320 13.55 -28.70 17.85
C ASP A 320 13.16 -29.97 17.12
N LYS A 321 13.82 -30.27 15.99
CA LYS A 321 13.65 -31.50 15.21
C LYS A 321 12.21 -31.98 15.05
N PHE A 322 11.32 -31.10 14.58
CA PHE A 322 9.91 -31.46 14.41
C PHE A 322 9.78 -32.54 13.36
N PRO A 323 8.94 -33.56 13.61
CA PRO A 323 8.78 -34.61 12.59
C PRO A 323 7.94 -34.17 11.37
N VAL A 324 7.04 -33.21 11.58
CA VAL A 324 6.17 -32.73 10.53
C VAL A 324 6.05 -31.18 10.59
N LEU A 325 5.93 -30.54 9.43
CA LEU A 325 5.77 -29.10 9.33
C LEU A 325 4.52 -28.84 8.50
N HIS A 326 3.60 -28.00 9.00
CA HIS A 326 2.35 -27.64 8.33
C HIS A 326 2.52 -26.27 7.73
N ASP A 327 2.60 -26.20 6.40
CA ASP A 327 2.82 -24.97 5.67
C ASP A 327 1.49 -24.37 5.24
N ILE A 328 0.97 -23.44 6.04
CA ILE A 328 -0.32 -22.82 5.78
C ILE A 328 -0.14 -21.45 5.13
N GLY A 329 -0.68 -21.31 3.94
CA GLY A 329 -0.56 -20.06 3.20
C GLY A 329 -0.64 -20.28 1.72
N ASN A 330 0.01 -19.40 0.96
CA ASN A 330 0.03 -19.38 -0.51
C ASN A 330 -0.03 -20.74 -1.19
N PRO A 331 -1.07 -20.97 -2.01
CA PRO A 331 -1.20 -22.27 -2.70
C PRO A 331 -0.07 -22.58 -3.72
N LYS A 332 0.73 -21.59 -4.08
CA LYS A 332 1.86 -21.80 -5.00
C LYS A 332 3.21 -21.97 -4.28
N ALA A 333 3.20 -22.09 -2.93
CA ALA A 333 4.45 -22.22 -2.17
C ALA A 333 5.25 -23.48 -2.43
N ILE A 334 6.57 -23.30 -2.37
CA ILE A 334 7.62 -24.29 -2.53
C ILE A 334 8.28 -24.43 -1.15
N LYS A 335 8.84 -25.62 -0.80
CA LYS A 335 9.56 -25.84 0.47
C LYS A 335 10.71 -24.82 0.59
N CYS A 336 10.68 -23.97 1.64
CA CYS A 336 11.73 -22.97 1.82
C CYS A 336 13.06 -23.58 2.30
N VAL A 337 13.01 -24.81 2.84
CA VAL A 337 14.18 -25.58 3.29
C VAL A 337 14.16 -26.95 2.55
N PRO A 338 14.52 -26.96 1.25
CA PRO A 338 14.47 -28.20 0.46
C PRO A 338 15.16 -29.44 1.04
N GLN A 339 16.27 -29.28 1.78
CA GLN A 339 16.99 -30.43 2.30
C GLN A 339 16.53 -30.89 3.69
N ALA A 340 15.59 -30.18 4.33
CA ALA A 340 15.11 -30.58 5.66
C ALA A 340 14.58 -32.02 5.70
N ASP A 341 14.86 -32.73 6.81
CA ASP A 341 14.41 -34.11 6.98
C ASP A 341 12.87 -34.19 7.01
N VAL A 342 12.24 -33.29 7.77
CA VAL A 342 10.82 -33.12 8.07
C VAL A 342 9.81 -33.52 6.96
N GLU A 343 8.61 -33.96 7.40
CA GLU A 343 7.50 -34.29 6.53
C GLU A 343 6.86 -32.93 6.22
N TRP A 344 6.94 -32.48 4.97
CA TRP A 344 6.41 -31.18 4.59
C TRP A 344 5.01 -31.30 4.00
N LYS A 345 4.02 -30.75 4.69
CA LYS A 345 2.63 -30.80 4.31
C LYS A 345 2.13 -29.39 4.04
N PHE A 346 1.57 -29.17 2.84
CA PHE A 346 1.05 -27.89 2.39
C PHE A 346 -0.47 -27.76 2.54
N TYR A 347 -0.92 -26.54 2.82
CA TYR A 347 -2.31 -26.17 2.98
C TYR A 347 -2.47 -24.86 2.24
N ASP A 348 -3.43 -24.81 1.30
CA ASP A 348 -3.65 -23.66 0.46
C ASP A 348 -4.58 -22.67 1.16
N ALA A 349 -4.20 -21.40 1.14
CA ALA A 349 -4.98 -20.33 1.71
C ALA A 349 -4.44 -19.07 1.08
N GLN A 350 -5.22 -18.45 0.23
CA GLN A 350 -4.85 -17.21 -0.43
C GLN A 350 -4.73 -16.06 0.58
N PRO A 351 -3.98 -14.98 0.26
CA PRO A 351 -3.88 -13.85 1.20
C PRO A 351 -5.25 -13.30 1.57
N CYS A 352 -5.62 -13.25 2.85
CA CYS A 352 -6.92 -12.69 3.23
C CYS A 352 -6.82 -11.18 3.13
N SER A 353 -7.79 -10.55 2.47
CA SER A 353 -7.75 -9.10 2.32
C SER A 353 -8.77 -8.37 3.18
N ASP A 354 -9.80 -9.08 3.66
CA ASP A 354 -10.83 -8.47 4.48
C ASP A 354 -10.46 -8.60 5.96
N LYS A 355 -10.98 -9.62 6.68
CA LYS A 355 -10.61 -9.90 8.07
C LYS A 355 -9.57 -11.04 8.07
N ALA A 356 -8.79 -11.14 9.16
CA ALA A 356 -7.80 -12.21 9.32
C ALA A 356 -8.53 -13.54 9.44
N TYR A 357 -7.96 -14.62 8.90
CA TYR A 357 -8.57 -15.94 8.98
C TYR A 357 -8.79 -16.37 10.42
N LYS A 358 -9.96 -16.92 10.74
CA LYS A 358 -10.17 -17.51 12.06
C LYS A 358 -9.44 -18.86 12.01
N ILE A 359 -8.58 -19.13 12.98
CA ILE A 359 -7.80 -20.38 13.01
C ILE A 359 -8.71 -21.65 12.94
N GLU A 360 -9.96 -21.50 13.39
CA GLU A 360 -10.93 -22.56 13.39
C GLU A 360 -11.32 -22.93 11.96
N GLU A 361 -11.46 -21.93 11.07
CA GLU A 361 -11.87 -22.21 9.69
C GLU A 361 -10.71 -22.68 8.78
N LEU A 362 -9.47 -22.61 9.27
CA LEU A 362 -8.33 -23.12 8.50
C LEU A 362 -8.00 -24.56 8.93
N PHE A 363 -8.25 -24.89 10.21
CA PHE A 363 -7.88 -26.17 10.79
C PHE A 363 -9.02 -27.15 11.07
N TYR A 364 -10.12 -26.69 11.68
CA TYR A 364 -11.18 -27.59 12.18
C TYR A 364 -12.21 -28.05 11.10
N SER A 365 -13.46 -28.37 11.53
CA SER A 365 -14.57 -28.97 10.77
C SER A 365 -14.13 -30.38 10.26
N TYR A 366 -13.36 -31.09 11.13
CA TYR A 366 -12.70 -32.37 10.90
C TYR A 366 -11.65 -32.24 9.81
N HIS A 369 -4.13 -33.69 4.86
CA HIS A 369 -3.80 -33.01 6.11
C HIS A 369 -3.44 -34.01 7.15
N SER A 370 -2.46 -33.69 8.00
CA SER A 370 -2.19 -34.55 9.17
C SER A 370 -3.42 -34.51 10.12
N ASP A 371 -4.36 -33.51 9.90
CA ASP A 371 -5.57 -33.15 10.67
C ASP A 371 -5.11 -32.55 12.01
N LYS A 372 -4.10 -33.19 12.63
CA LYS A 372 -3.47 -32.76 13.86
C LYS A 372 -2.38 -31.73 13.53
N PHE A 373 -2.76 -30.46 13.56
CA PHE A 373 -1.80 -29.38 13.38
C PHE A 373 -0.91 -29.21 14.63
N THR A 374 -1.34 -29.76 15.79
CA THR A 374 -0.64 -29.81 17.08
C THR A 374 0.65 -30.65 17.00
N ASP A 375 0.73 -31.61 16.07
CA ASP A 375 1.92 -32.41 15.83
C ASP A 375 2.88 -31.53 15.02
N GLY A 376 4.14 -31.47 15.43
CA GLY A 376 5.14 -30.70 14.72
C GLY A 376 5.02 -29.19 14.88
N VAL A 377 5.33 -28.46 13.80
CA VAL A 377 5.27 -27.01 13.81
C VAL A 377 4.43 -26.50 12.64
N CYS A 378 3.78 -25.35 12.80
CA CYS A 378 2.97 -24.75 11.77
C CYS A 378 3.71 -23.52 11.28
N LEU A 379 3.82 -23.36 9.97
CA LEU A 379 4.50 -22.22 9.38
C LEU A 379 3.45 -21.32 8.75
N PHE A 380 3.30 -20.09 9.27
CA PHE A 380 2.35 -19.12 8.72
C PHE A 380 3.16 -17.98 8.15
N TRP A 381 3.72 -18.18 6.96
CA TRP A 381 4.53 -17.16 6.32
C TRP A 381 3.62 -16.27 5.49
N ASN A 382 3.28 -15.12 6.09
CA ASN A 382 2.36 -14.12 5.57
C ASN A 382 0.92 -14.62 5.48
N CYS A 383 0.55 -15.65 6.25
CA CYS A 383 -0.83 -16.16 6.25
C CYS A 383 -1.46 -15.60 7.52
N ASN A 384 -2.18 -14.48 7.42
CA ASN A 384 -2.68 -13.72 8.57
C ASN A 384 -3.86 -14.35 9.30
N VAL A 385 -3.66 -14.87 10.52
CA VAL A 385 -4.76 -15.49 11.26
C VAL A 385 -5.07 -14.70 12.57
N ASP A 386 -6.29 -14.85 13.09
CA ASP A 386 -6.73 -14.13 14.29
C ASP A 386 -5.93 -14.48 15.57
N ARG A 387 -5.49 -15.73 15.70
CA ARG A 387 -4.72 -16.17 16.86
C ARG A 387 -3.95 -17.39 16.42
N TYR A 388 -2.63 -17.31 16.48
CA TYR A 388 -1.79 -18.42 16.06
C TYR A 388 -1.67 -19.51 17.11
N PRO A 389 -1.62 -20.78 16.67
CA PRO A 389 -1.36 -21.86 17.64
C PRO A 389 0.06 -21.72 18.22
N ALA A 390 0.28 -22.19 19.44
CA ALA A 390 1.58 -22.08 20.10
C ALA A 390 2.76 -22.70 19.36
N ASN A 391 2.53 -23.77 18.55
CA ASN A 391 3.66 -24.41 17.83
C ASN A 391 3.87 -23.76 16.47
N SER A 392 4.07 -22.42 16.43
CA SER A 392 4.15 -21.72 15.16
C SER A 392 5.38 -20.91 14.88
N ILE A 393 5.74 -20.79 13.58
CA ILE A 393 6.78 -19.92 13.03
C ILE A 393 5.94 -18.94 12.22
N VAL A 394 6.03 -17.63 12.51
CA VAL A 394 5.14 -16.67 11.86
C VAL A 394 5.79 -15.43 11.29
N CYS A 395 5.47 -15.07 10.05
CA CYS A 395 5.85 -13.79 9.47
C CYS A 395 4.53 -13.02 9.28
N ARG A 396 4.36 -11.87 9.95
CA ARG A 396 3.13 -11.09 9.85
C ARG A 396 3.43 -9.63 9.50
N PHE A 397 2.95 -9.15 8.35
CA PHE A 397 3.14 -7.77 7.93
C PHE A 397 2.42 -6.80 8.88
N ASP A 398 3.13 -5.76 9.29
CA ASP A 398 2.59 -4.75 10.19
C ASP A 398 2.07 -3.59 9.37
N THR A 399 0.75 -3.55 9.22
CA THR A 399 0.04 -2.55 8.45
C THR A 399 0.30 -1.11 8.91
N ARG A 400 0.81 -0.92 10.14
CA ARG A 400 1.07 0.43 10.67
C ARG A 400 2.29 1.09 10.08
N VAL A 401 3.21 0.29 9.51
CA VAL A 401 4.47 0.76 8.95
C VAL A 401 4.28 1.86 7.94
N LEU A 402 5.05 2.94 8.10
CA LEU A 402 5.04 4.05 7.15
C LEU A 402 6.04 3.73 6.04
N SER A 403 5.58 3.62 4.77
CA SER A 403 6.46 3.38 3.60
C SER A 403 5.82 3.73 2.24
N ASN A 404 6.65 3.84 1.18
CA ASN A 404 6.17 4.09 -0.19
C ASN A 404 5.51 2.85 -0.80
N LEU A 405 5.74 1.67 -0.23
CA LEU A 405 5.08 0.45 -0.69
C LEU A 405 3.72 0.30 -0.01
N ASN A 406 3.67 0.64 1.28
CA ASN A 406 2.47 0.50 2.08
C ASN A 406 1.54 1.72 2.02
N LEU A 407 0.37 1.55 1.40
CA LEU A 407 -0.60 2.62 1.27
C LEU A 407 -1.70 2.46 2.33
N PRO A 408 -2.26 3.56 2.83
CA PRO A 408 -3.33 3.45 3.85
C PRO A 408 -4.55 2.72 3.29
N GLY A 409 -5.08 1.78 4.05
CA GLY A 409 -6.22 0.99 3.59
C GLY A 409 -7.52 1.17 4.33
N CYS A 410 -8.32 0.10 4.32
N CYS A 410 -8.31 0.09 4.34
CA CYS A 410 -9.66 0.07 4.87
CA CYS A 410 -9.63 0.07 4.95
C CYS A 410 -9.76 -0.68 6.19
C CYS A 410 -9.66 -0.62 6.27
N ASP A 411 -10.48 -0.10 7.19
CA ASP A 411 -10.71 -0.69 8.51
C ASP A 411 -9.42 -0.97 9.29
N GLY A 412 -8.48 -0.05 9.23
CA GLY A 412 -7.20 -0.22 9.91
C GLY A 412 -6.16 -0.98 9.11
N GLY A 413 -6.60 -1.67 8.05
CA GLY A 413 -5.74 -2.45 7.18
C GLY A 413 -4.93 -1.56 6.28
N SER A 414 -4.12 -2.17 5.40
CA SER A 414 -3.25 -1.39 4.53
C SER A 414 -3.11 -2.06 3.21
N LEU A 415 -2.84 -1.26 2.18
CA LEU A 415 -2.67 -1.79 0.86
C LEU A 415 -1.21 -1.88 0.60
N TYR A 416 -0.65 -3.08 0.71
CA TYR A 416 0.76 -3.28 0.48
C TYR A 416 0.98 -3.53 -0.99
N VAL A 417 1.63 -2.58 -1.68
CA VAL A 417 1.83 -2.71 -3.11
C VAL A 417 3.30 -2.99 -3.44
N ASN A 418 3.61 -4.26 -3.70
CA ASN A 418 4.95 -4.72 -4.06
C ASN A 418 4.75 -5.78 -5.15
N LYS A 419 4.84 -5.35 -6.42
CA LYS A 419 4.62 -6.13 -7.64
C LYS A 419 3.12 -6.34 -7.84
N HIS A 420 2.44 -6.73 -6.77
CA HIS A 420 1.01 -6.91 -6.75
C HIS A 420 0.42 -6.10 -5.59
N ALA A 421 -0.91 -5.89 -5.57
CA ALA A 421 -1.54 -5.13 -4.49
C ALA A 421 -2.21 -6.08 -3.51
N PHE A 422 -1.79 -6.04 -2.25
CA PHE A 422 -2.32 -6.89 -1.21
C PHE A 422 -2.92 -6.05 -0.12
N HIS A 423 -4.24 -6.04 0.00
CA HIS A 423 -4.88 -5.37 1.12
C HIS A 423 -4.72 -6.32 2.30
N THR A 424 -4.03 -5.88 3.35
CA THR A 424 -3.75 -6.69 4.52
C THR A 424 -4.62 -6.23 5.68
N PRO A 425 -5.25 -7.15 6.41
CA PRO A 425 -6.08 -6.75 7.56
C PRO A 425 -5.24 -6.09 8.65
N ALA A 426 -5.85 -5.19 9.46
CA ALA A 426 -5.16 -4.48 10.54
C ALA A 426 -4.33 -5.39 11.42
N PHE A 427 -3.07 -4.99 11.67
CA PHE A 427 -2.16 -5.69 12.56
C PHE A 427 -2.78 -5.73 13.97
N ASP A 428 -2.65 -6.87 14.65
CA ASP A 428 -3.26 -7.06 15.95
C ASP A 428 -2.29 -7.84 16.82
N LYS A 429 -1.70 -7.20 17.84
CA LYS A 429 -0.73 -7.80 18.75
C LYS A 429 -1.25 -9.01 19.49
N SER A 430 -2.58 -9.10 19.69
CA SER A 430 -3.16 -10.25 20.37
C SER A 430 -3.14 -11.54 19.55
N ALA A 431 -2.86 -11.47 18.24
CA ALA A 431 -2.76 -12.67 17.40
C ALA A 431 -1.62 -13.58 17.83
N PHE A 432 -0.60 -13.00 18.46
CA PHE A 432 0.64 -13.62 18.82
C PHE A 432 0.80 -13.90 20.32
N VAL A 433 -0.29 -14.07 21.10
CA VAL A 433 -0.17 -14.31 22.54
C VAL A 433 0.48 -15.67 22.89
N ASN A 434 0.26 -16.71 22.07
CA ASN A 434 0.91 -18.01 22.33
C ASN A 434 2.34 -18.09 21.78
N LEU A 435 2.82 -17.00 21.14
CA LEU A 435 4.15 -16.94 20.57
C LEU A 435 5.00 -15.83 21.24
N LYS A 436 6.27 -15.71 20.85
CA LYS A 436 7.15 -14.66 21.32
C LYS A 436 7.86 -14.02 20.10
N GLN A 437 8.37 -12.80 20.26
CA GLN A 437 9.11 -12.13 19.19
C GLN A 437 10.37 -12.92 18.86
N LEU A 438 10.58 -13.24 17.59
CA LEU A 438 11.75 -13.99 17.18
C LEU A 438 12.97 -13.07 17.18
N PRO A 439 14.01 -13.42 17.94
CA PRO A 439 15.22 -12.57 17.97
C PRO A 439 16.11 -12.78 16.75
N PHE A 440 16.94 -11.78 16.41
CA PHE A 440 17.86 -11.93 15.30
C PHE A 440 18.92 -12.99 15.64
N PHE A 441 19.29 -13.76 14.64
CA PHE A 441 20.39 -14.70 14.72
C PHE A 441 20.77 -15.04 13.29
N TYR A 442 22.03 -15.36 13.08
CA TYR A 442 22.50 -15.84 11.79
C TYR A 442 23.00 -17.24 12.06
N TYR A 443 22.54 -18.26 11.35
CA TYR A 443 23.05 -19.62 11.53
C TYR A 443 23.69 -20.09 10.20
N SER A 444 24.78 -20.86 10.28
CA SER A 444 25.41 -21.43 9.10
C SER A 444 26.21 -22.66 9.43
N ASP A 445 25.95 -23.75 8.70
CA ASP A 445 26.72 -24.98 8.84
C ASP A 445 27.70 -25.18 7.63
N SER A 446 27.78 -24.20 6.71
CA SER A 446 28.65 -24.26 5.56
C SER A 446 30.12 -24.25 5.99
N PRO A 447 31.04 -24.79 5.17
CA PRO A 447 32.45 -24.77 5.56
C PRO A 447 33.01 -23.35 5.65
N CYS A 448 34.01 -23.18 6.50
CA CYS A 448 34.66 -21.89 6.69
C CYS A 448 35.68 -21.76 5.59
N GLU A 449 35.30 -21.18 4.47
CA GLU A 449 36.18 -21.04 3.33
C GLU A 449 35.80 -19.75 2.60
N SER A 450 36.80 -18.85 2.44
CA SER A 450 36.68 -17.51 1.86
C SER A 450 36.23 -17.47 0.38
N HIS A 451 37.07 -17.95 -0.57
CA HIS A 451 36.77 -17.92 -2.02
C HIS A 451 36.50 -16.52 -2.61
N GLY A 452 37.43 -16.03 -3.44
CA GLY A 452 37.30 -14.75 -4.12
C GLY A 452 37.86 -13.55 -3.39
N ILE A 459 35.97 -5.99 -1.32
CA ILE A 459 35.24 -6.01 -0.06
C ILE A 459 36.21 -6.20 1.10
N ASP A 460 36.71 -5.09 1.70
CA ASP A 460 37.66 -5.21 2.81
C ASP A 460 37.01 -5.56 4.17
N TYR A 461 37.79 -6.25 5.02
CA TYR A 461 37.41 -6.83 6.30
C TYR A 461 37.86 -6.10 7.58
N VAL A 462 37.09 -6.31 8.66
CA VAL A 462 37.27 -5.89 10.06
C VAL A 462 36.75 -7.10 10.84
N PRO A 463 37.51 -7.66 11.79
CA PRO A 463 37.04 -8.86 12.51
C PRO A 463 35.65 -8.75 13.10
N LEU A 464 34.83 -9.78 12.90
CA LEU A 464 33.47 -9.77 13.41
C LEU A 464 33.41 -10.44 14.76
N LYS A 465 32.84 -9.73 15.74
CA LYS A 465 32.61 -10.25 17.09
C LYS A 465 31.10 -10.18 17.33
N SER A 466 30.44 -11.34 17.54
CA SER A 466 28.99 -11.35 17.77
C SER A 466 28.52 -12.60 18.45
N ALA A 467 27.60 -12.46 19.41
CA ALA A 467 26.99 -13.60 20.08
C ALA A 467 25.92 -14.32 19.19
N THR A 468 25.39 -13.63 18.18
CA THR A 468 24.34 -14.17 17.33
C THR A 468 24.85 -14.76 16.00
N CYS A 469 26.16 -14.95 15.85
CA CYS A 469 26.71 -15.56 14.64
C CYS A 469 26.89 -17.05 15.01
N ILE A 470 25.87 -17.85 14.79
CA ILE A 470 25.91 -19.25 15.19
C ILE A 470 26.61 -20.09 14.08
N THR A 471 27.95 -20.07 14.14
CA THR A 471 28.81 -20.79 13.20
C THR A 471 29.87 -21.61 13.96
N ARG A 472 30.50 -22.60 13.28
CA ARG A 472 31.54 -23.45 13.84
C ARG A 472 32.76 -22.65 14.25
N CYS A 473 33.09 -21.62 13.47
CA CYS A 473 34.22 -20.72 13.70
C CYS A 473 34.00 -19.93 14.97
N ASN A 474 32.80 -19.45 15.21
CA ASN A 474 32.46 -18.71 16.43
C ASN A 474 32.39 -19.63 17.65
N LEU A 475 32.01 -20.89 17.45
CA LEU A 475 32.01 -21.90 18.50
C LEU A 475 33.48 -22.12 18.92
N GLY A 476 34.36 -22.25 17.93
CA GLY A 476 35.79 -22.45 18.12
C GLY A 476 36.60 -21.21 18.35
N GLY A 477 35.95 -20.10 18.73
CA GLY A 477 36.67 -18.88 19.07
C GLY A 477 36.61 -17.69 18.13
N ALA A 478 37.22 -17.79 16.94
CA ALA A 478 37.26 -16.65 16.00
C ALA A 478 36.42 -16.82 14.71
N VAL A 479 35.48 -15.89 14.45
CA VAL A 479 34.66 -15.92 13.24
C VAL A 479 35.51 -15.72 11.95
N CYS A 480 35.42 -16.69 11.01
CA CYS A 480 36.12 -16.64 9.73
C CYS A 480 35.55 -15.54 8.81
N ARG A 481 36.35 -15.05 7.85
CA ARG A 481 35.99 -13.97 6.93
C ARG A 481 34.72 -14.29 6.12
N HIS A 482 34.56 -15.55 5.70
CA HIS A 482 33.39 -15.95 4.92
C HIS A 482 32.07 -15.83 5.72
N HIS A 483 32.03 -16.40 6.94
CA HIS A 483 30.84 -16.29 7.75
C HIS A 483 30.62 -14.84 8.24
N ALA A 484 31.69 -14.03 8.32
CA ALA A 484 31.55 -12.62 8.69
C ALA A 484 30.92 -11.81 7.56
N ASN A 485 31.24 -12.14 6.30
CA ASN A 485 30.66 -11.47 5.14
C ASN A 485 29.20 -11.86 5.02
N GLU A 486 28.92 -13.18 5.13
CA GLU A 486 27.58 -13.77 5.09
C GLU A 486 26.73 -13.35 6.27
N TYR A 487 27.32 -13.03 7.43
CA TYR A 487 26.58 -12.59 8.60
C TYR A 487 26.13 -11.15 8.37
N ARG A 488 27.03 -10.31 7.86
CA ARG A 488 26.71 -8.90 7.63
C ARG A 488 25.68 -8.74 6.55
N LEU A 489 25.77 -9.58 5.48
CA LEU A 489 24.82 -9.57 4.38
C LEU A 489 23.45 -9.98 4.91
N TYR A 490 23.40 -11.04 5.74
CA TYR A 490 22.16 -11.51 6.33
C TYR A 490 21.53 -10.50 7.31
N LEU A 491 22.34 -9.83 8.11
CA LEU A 491 21.84 -8.80 9.02
C LEU A 491 21.25 -7.63 8.20
N ASP A 492 21.83 -7.33 7.03
CA ASP A 492 21.30 -6.29 6.16
C ASP A 492 19.95 -6.67 5.60
N ALA A 493 19.82 -7.92 5.08
CA ALA A 493 18.59 -8.48 4.54
C ALA A 493 17.52 -8.49 5.64
N TYR A 494 17.89 -8.87 6.85
CA TYR A 494 17.01 -8.94 7.98
C TYR A 494 16.49 -7.55 8.38
N ASN A 495 17.38 -6.55 8.43
CA ASN A 495 17.01 -5.18 8.78
C ASN A 495 16.10 -4.54 7.74
N MET A 496 16.29 -4.90 6.47
CA MET A 496 15.55 -4.42 5.34
C MET A 496 14.09 -4.87 5.49
N MET A 497 13.90 -6.17 5.78
CA MET A 497 12.62 -6.83 5.94
C MET A 497 11.86 -6.36 7.18
N ILE A 498 12.58 -6.07 8.26
CA ILE A 498 11.95 -5.58 9.49
C ILE A 498 11.44 -4.16 9.23
N SER A 499 12.29 -3.33 8.63
CA SER A 499 11.95 -1.95 8.34
C SER A 499 10.92 -1.82 7.19
N ALA A 500 10.73 -2.89 6.38
CA ALA A 500 9.66 -2.91 5.39
C ALA A 500 8.26 -3.16 6.04
N GLY A 501 8.21 -3.51 7.32
CA GLY A 501 6.95 -3.75 8.03
C GLY A 501 6.75 -5.17 8.55
N PHE A 502 7.51 -6.14 8.05
CA PHE A 502 7.36 -7.52 8.45
C PHE A 502 7.80 -7.80 9.87
N SER A 503 7.02 -8.61 10.60
CA SER A 503 7.37 -8.95 11.97
C SER A 503 7.46 -10.47 12.11
N LEU A 504 8.47 -10.95 12.83
CA LEU A 504 8.70 -12.39 13.03
C LEU A 504 8.37 -12.83 14.42
N TRP A 505 7.66 -13.94 14.50
CA TRP A 505 7.23 -14.52 15.76
C TRP A 505 7.52 -16.03 15.74
N VAL A 506 7.81 -16.62 16.91
CA VAL A 506 8.14 -18.03 16.98
C VAL A 506 7.59 -18.69 18.26
N TYR A 507 7.50 -20.03 18.27
CA TYR A 507 7.06 -20.79 19.44
C TYR A 507 7.99 -20.47 20.63
N LYS A 508 7.43 -20.29 21.85
CA LYS A 508 8.13 -19.88 23.08
C LYS A 508 9.35 -20.72 23.45
N GLN A 509 9.37 -22.01 23.11
CA GLN A 509 10.50 -22.87 23.40
C GLN A 509 11.68 -22.67 22.44
N PHE A 510 11.55 -21.84 21.40
CA PHE A 510 12.66 -21.62 20.46
C PHE A 510 13.83 -20.99 21.18
N ASP A 511 14.97 -21.65 21.09
CA ASP A 511 16.18 -21.18 21.75
C ASP A 511 17.33 -21.45 20.81
N THR A 512 18.03 -20.38 20.38
CA THR A 512 19.18 -20.54 19.47
C THR A 512 20.34 -21.31 20.11
N TYR A 513 20.36 -21.42 21.46
CA TYR A 513 21.39 -22.17 22.15
C TYR A 513 21.45 -23.62 21.70
N ASN A 514 20.31 -24.15 21.23
CA ASN A 514 20.18 -25.51 20.72
C ASN A 514 20.85 -25.71 19.35
N LEU A 515 21.32 -24.63 18.71
CA LEU A 515 21.94 -24.71 17.40
C LEU A 515 23.43 -24.98 17.46
N TRP A 516 24.09 -24.72 18.59
CA TRP A 516 25.51 -24.92 18.76
C TRP A 516 25.91 -26.40 18.68
N ASN A 517 25.07 -27.30 19.22
CA ASN A 517 25.39 -28.73 19.15
C ASN A 517 25.15 -29.36 17.78
N THR A 518 24.70 -28.59 16.78
CA THR A 518 24.60 -29.10 15.41
C THR A 518 26.02 -29.08 14.72
N PHE A 519 27.05 -28.58 15.43
CA PHE A 519 28.46 -28.54 15.04
C PHE A 519 29.19 -29.51 15.99
N THR A 520 29.91 -30.50 15.44
CA THR A 520 30.65 -31.44 16.28
C THR A 520 31.93 -31.92 15.59
ZN ZN B . -12.51 3.99 6.16
ZN ZN C . 33.40 -19.80 9.51
ZN ZN D . 11.11 16.34 -13.31
P PO4 E . 1.49 4.61 -11.23
O1 PO4 E . 1.96 3.38 -10.30
O2 PO4 E . 2.68 5.57 -11.52
O3 PO4 E . 1.00 4.02 -12.63
O4 PO4 E . 0.30 5.36 -10.47
P PO4 F . 26.07 -19.47 3.89
O1 PO4 F . 27.63 -19.28 3.91
O2 PO4 F . 25.61 -20.54 4.99
O3 PO4 F . 25.35 -18.07 4.20
O4 PO4 F . 25.70 -20.02 2.43
N1 K1A G . -2.54 9.40 2.16
C4 K1A G . -2.14 8.75 5.56
C5 K1A G . -0.73 9.16 5.77
C6 K1A G . -4.21 8.49 4.83
C7 K1A G . -5.54 8.39 4.16
C8 K1A G . -3.43 9.35 1.13
N K1A G . -1.32 8.78 1.90
C K1A G . -0.17 7.39 0.25
O K1A G . -4.03 7.72 5.92
C1 K1A G . -1.30 8.23 0.72
C2 K1A G . -2.76 10.09 3.44
C3 K1A G . -3.05 9.15 4.56
N2 K1A G . -2.70 7.89 6.37
O1 K1A G . -4.56 9.79 1.16
S K1A G . -2.69 8.53 -0.25
#